data_6GI4
#
_entry.id   6GI4
#
_cell.length_a   56.636
_cell.length_b   56.636
_cell.length_c   110.434
_cell.angle_alpha   90.00
_cell.angle_beta   90.00
_cell.angle_gamma   90.00
#
_symmetry.space_group_name_H-M   'P 41 21 2'
#
loop_
_entity.id
_entity.type
_entity.pdbx_description
1 polymer 'Endo-type membrane-bound lytic murein transglycosylase A'
2 non-polymer 2-AMINO-2-HYDROXYMETHYL-PROPANE-1,3-DIOL
3 water water
#
_entity_poly.entity_id   1
_entity_poly.type   'polypeptide(L)'
_entity_poly.pdbx_seq_one_letter_code
;MKHDYTNPPWNAKVPVQRAMQWMPISQKAGAAWGVDPQLITAIIAIESGGNPNAVSKANAIGLMQLKASTSGRDVYRRMG
WSGEPTTSELKNPERNISMGAAYLNILETGPLAGIEDPKVLQYALVVSYANGAGALLRTFSSDRKKAISKINDLDADEFL
EHVARNHPAPQAPRYIYKLEQALDAMLEHHHHHH
;
_entity_poly.pdbx_strand_id   B
#
loop_
_chem_comp.id
_chem_comp.type
_chem_comp.name
_chem_comp.formula
TRS non-polymer 2-AMINO-2-HYDROXYMETHYL-PROPANE-1,3-DIOL 'C4 H12 N O3 1'
#
# COMPACT_ATOMS: atom_id res chain seq x y z
N LYS A 2 -18.20 13.57 0.61
CA LYS A 2 -17.18 14.22 -0.25
C LYS A 2 -16.00 14.65 0.62
N HIS A 3 -15.07 13.70 0.81
CA HIS A 3 -13.92 13.79 1.69
C HIS A 3 -12.97 14.95 1.32
N ASP A 4 -12.64 15.77 2.34
CA ASP A 4 -11.67 16.89 2.26
C ASP A 4 -10.25 16.30 2.47
N TYR A 5 -9.86 15.50 1.49
CA TYR A 5 -8.71 14.57 1.65
C TYR A 5 -7.34 15.26 1.57
N THR A 6 -7.30 16.55 1.23
CA THR A 6 -6.02 17.27 1.18
C THR A 6 -5.77 18.02 2.50
N ASN A 7 -6.73 17.94 3.45
N ASN A 7 -6.70 17.99 3.45
CA ASN A 7 -6.76 18.70 4.72
CA ASN A 7 -6.48 18.76 4.66
C ASN A 7 -6.47 17.77 5.89
C ASN A 7 -6.45 17.83 5.87
N PRO A 8 -5.47 18.03 6.77
CA PRO A 8 -4.49 19.10 6.60
C PRO A 8 -3.42 18.63 5.62
N PRO A 9 -2.59 19.55 5.08
CA PRO A 9 -1.46 19.21 4.25
C PRO A 9 -0.55 18.19 4.92
N TRP A 10 -0.08 17.21 4.15
CA TRP A 10 0.91 16.26 4.59
C TRP A 10 2.27 16.61 4.00
N ASN A 11 3.25 16.86 4.84
CA ASN A 11 4.60 17.22 4.43
C ASN A 11 5.41 15.92 4.34
N ALA A 12 5.65 15.46 3.09
CA ALA A 12 6.32 14.20 2.86
C ALA A 12 7.83 14.23 2.97
N LYS A 13 8.44 15.42 3.05
CA LYS A 13 9.89 15.47 2.86
C LYS A 13 10.62 14.55 3.82
N VAL A 14 10.35 14.69 5.12
CA VAL A 14 11.13 13.94 6.10
C VAL A 14 10.75 12.47 6.13
N PRO A 15 9.46 12.10 6.14
CA PRO A 15 9.09 10.70 6.01
C PRO A 15 9.76 10.03 4.80
N VAL A 16 9.81 10.74 3.65
CA VAL A 16 10.44 10.14 2.46
C VAL A 16 11.96 10.05 2.64
N GLN A 17 12.61 11.05 3.24
CA GLN A 17 14.04 10.95 3.44
C GLN A 17 14.36 9.73 4.28
N ARG A 18 13.57 9.48 5.34
CA ARG A 18 13.80 8.30 6.18
C ARG A 18 13.46 7.00 5.46
N ALA A 19 12.38 6.98 4.67
CA ALA A 19 12.01 5.79 3.90
C ALA A 19 13.12 5.45 2.88
N MET A 20 13.73 6.48 2.29
CA MET A 20 14.73 6.30 1.18
C MET A 20 15.97 5.57 1.71
N GLN A 21 16.21 5.58 3.01
CA GLN A 21 17.35 4.80 3.54
C GLN A 21 17.15 3.31 3.27
N TRP A 22 15.89 2.89 3.10
CA TRP A 22 15.56 1.49 2.90
C TRP A 22 15.45 1.13 1.44
N MET A 23 15.69 2.10 0.54
CA MET A 23 15.45 1.92 -0.88
C MET A 23 16.22 0.71 -1.43
N PRO A 24 17.46 0.41 -0.99
CA PRO A 24 18.16 -0.78 -1.50
C PRO A 24 17.32 -2.05 -1.30
N ILE A 25 16.74 -2.17 -0.09
CA ILE A 25 15.88 -3.33 0.28
C ILE A 25 14.62 -3.30 -0.57
N SER A 26 13.98 -2.13 -0.70
CA SER A 26 12.83 -1.98 -1.49
C SER A 26 13.09 -2.38 -2.95
N GLN A 27 14.26 -2.00 -3.50
CA GLN A 27 14.57 -2.39 -4.88
C GLN A 27 14.78 -3.93 -5.00
N LYS A 28 15.46 -4.54 -4.02
CA LYS A 28 15.72 -6.02 -3.93
C LYS A 28 14.39 -6.80 -3.79
N ALA A 29 13.55 -6.36 -2.83
CA ALA A 29 12.27 -6.99 -2.62
C ALA A 29 11.29 -6.72 -3.76
N GLY A 30 11.26 -5.49 -4.30
CA GLY A 30 10.39 -5.21 -5.38
C GLY A 30 10.82 -5.96 -6.65
N ALA A 31 12.15 -6.07 -6.82
CA ALA A 31 12.71 -6.90 -7.92
C ALA A 31 12.08 -8.30 -7.78
N ALA A 32 12.28 -8.92 -6.61
CA ALA A 32 11.90 -10.33 -6.37
C ALA A 32 10.39 -10.57 -6.57
N TRP A 33 9.54 -9.65 -6.05
CA TRP A 33 8.10 -9.84 -5.98
C TRP A 33 7.38 -9.19 -7.17
N GLY A 34 8.13 -8.51 -8.06
CA GLY A 34 7.51 -7.85 -9.21
C GLY A 34 6.72 -6.62 -8.81
N VAL A 35 7.22 -5.90 -7.80
CA VAL A 35 6.50 -4.75 -7.25
C VAL A 35 7.40 -3.51 -7.41
N ASP A 36 6.75 -2.40 -7.70
CA ASP A 36 7.46 -1.16 -7.92
C ASP A 36 8.09 -0.64 -6.64
N PRO A 37 9.40 -0.49 -6.59
CA PRO A 37 10.14 -0.03 -5.42
C PRO A 37 9.69 1.36 -4.94
N GLN A 38 9.29 2.22 -5.88
CA GLN A 38 8.85 3.56 -5.50
C GLN A 38 7.56 3.44 -4.71
N LEU A 39 6.67 2.50 -5.09
CA LEU A 39 5.39 2.32 -4.34
C LEU A 39 5.71 1.82 -2.95
N ILE A 40 6.64 0.88 -2.82
CA ILE A 40 7.07 0.32 -1.55
C ILE A 40 7.58 1.45 -0.67
N THR A 41 8.45 2.32 -1.23
CA THR A 41 9.04 3.37 -0.48
C THR A 41 7.96 4.36 -0.02
N ALA A 42 7.00 4.66 -0.86
CA ALA A 42 5.93 5.61 -0.54
C ALA A 42 5.13 5.04 0.62
N ILE A 43 4.87 3.75 0.61
CA ILE A 43 4.11 3.12 1.66
C ILE A 43 4.90 3.12 2.94
N ILE A 44 6.20 2.84 2.91
CA ILE A 44 7.02 2.98 4.12
C ILE A 44 6.91 4.39 4.70
N ALA A 45 7.01 5.41 3.85
CA ALA A 45 6.97 6.80 4.28
C ALA A 45 5.65 7.06 5.00
N ILE A 46 4.55 6.64 4.40
CA ILE A 46 3.22 6.92 4.90
C ILE A 46 2.92 6.10 6.16
N GLU A 47 3.37 4.85 6.20
CA GLU A 47 2.98 3.97 7.27
C GLU A 47 3.82 4.25 8.51
N SER A 48 5.11 4.03 8.44
CA SER A 48 6.07 4.00 9.57
C SER A 48 6.91 5.27 9.58
N GLY A 49 6.91 6.05 8.49
CA GLY A 49 7.85 7.15 8.34
C GLY A 49 9.29 6.68 8.35
N GLY A 50 9.52 5.42 7.96
CA GLY A 50 10.83 4.82 7.89
C GLY A 50 11.37 4.27 9.20
N ASN A 51 10.54 4.10 10.23
CA ASN A 51 10.94 3.58 11.49
C ASN A 51 10.68 2.08 11.55
N PRO A 52 11.73 1.24 11.55
CA PRO A 52 11.50 -0.20 11.48
C PRO A 52 10.94 -0.85 12.74
N ASN A 53 10.82 -0.06 13.83
CA ASN A 53 10.25 -0.52 15.06
C ASN A 53 8.82 -0.02 15.23
N ALA A 54 8.24 0.57 14.18
CA ALA A 54 6.92 1.13 14.26
C ALA A 54 5.89 0.09 14.69
N VAL A 55 4.84 0.56 15.38
CA VAL A 55 3.69 -0.26 15.73
CA VAL A 55 3.69 -0.27 15.70
C VAL A 55 2.47 0.63 15.54
N SER A 56 1.37 0.05 15.07
CA SER A 56 0.11 0.80 14.99
C SER A 56 -1.04 -0.20 14.92
N LYS A 57 -2.24 0.26 14.56
N LYS A 57 -2.25 0.32 15.12
CA LYS A 57 -3.53 -0.49 14.60
CA LYS A 57 -3.48 -0.44 15.06
C LYS A 57 -3.33 -2.01 14.67
C LYS A 57 -3.41 -1.70 15.91
N ALA A 58 -4.15 -2.70 15.48
CA ALA A 58 -4.03 -3.99 16.03
C ALA A 58 -2.68 -4.66 15.78
N ASN A 59 -1.61 -4.05 16.31
CA ASN A 59 -0.31 -4.63 16.30
C ASN A 59 0.16 -4.88 14.85
N ALA A 60 -0.16 -3.93 13.96
CA ALA A 60 0.56 -3.80 12.68
C ALA A 60 1.98 -3.31 12.98
N ILE A 61 2.98 -3.92 12.39
CA ILE A 61 4.38 -3.82 12.83
CA ILE A 61 4.34 -3.77 12.83
C ILE A 61 5.26 -3.39 11.68
N GLY A 62 6.25 -2.58 11.98
CA GLY A 62 7.43 -2.43 11.15
C GLY A 62 7.26 -1.44 10.00
N LEU A 63 8.23 -1.46 9.06
CA LEU A 63 8.35 -0.40 8.05
C LEU A 63 7.07 -0.20 7.24
N MET A 64 6.40 -1.31 6.92
CA MET A 64 5.19 -1.23 6.11
C MET A 64 3.91 -1.46 6.94
N GLN A 65 4.11 -1.53 8.27
N GLN A 65 4.07 -1.63 8.25
CA GLN A 65 3.04 -1.68 9.27
CA GLN A 65 2.91 -1.71 9.19
C GLN A 65 2.09 -2.79 8.81
C GLN A 65 2.01 -2.87 8.80
N LEU A 66 2.61 -4.05 8.76
CA LEU A 66 1.89 -5.25 8.45
C LEU A 66 1.42 -5.95 9.73
N LYS A 67 0.19 -6.43 9.67
CA LYS A 67 -0.36 -7.20 10.77
C LYS A 67 -0.14 -8.68 10.53
N ALA A 68 0.40 -9.40 11.49
CA ALA A 68 0.77 -10.79 11.34
C ALA A 68 -0.46 -11.65 11.07
N SER A 69 -1.53 -11.49 11.81
CA SER A 69 -2.59 -12.48 11.78
C SER A 69 -3.44 -12.34 10.52
N THR A 70 -3.36 -11.21 9.82
CA THR A 70 -4.18 -10.94 8.69
C THR A 70 -3.30 -10.96 7.45
N SER A 71 -2.71 -9.81 7.12
N SER A 71 -2.62 -9.84 7.16
CA SER A 71 -1.85 -9.68 5.96
CA SER A 71 -1.79 -9.67 5.93
C SER A 71 -0.69 -10.68 6.02
C SER A 71 -0.55 -10.57 5.95
N GLY A 72 0.04 -10.74 7.12
CA GLY A 72 1.17 -11.66 7.31
C GLY A 72 0.76 -13.11 7.00
N ARG A 73 -0.38 -13.50 7.53
CA ARG A 73 -0.93 -14.85 7.34
C ARG A 73 -1.25 -15.04 5.85
N ASP A 74 -1.87 -14.04 5.22
CA ASP A 74 -2.19 -14.09 3.79
C ASP A 74 -0.89 -14.37 2.99
N VAL A 75 0.21 -13.73 3.32
CA VAL A 75 1.48 -13.93 2.64
C VAL A 75 1.94 -15.38 2.89
N TYR A 76 1.95 -15.83 4.15
CA TYR A 76 2.39 -17.18 4.48
C TYR A 76 1.53 -18.18 3.70
N ARG A 77 0.22 -18.00 3.66
CA ARG A 77 -0.66 -18.91 2.93
C ARG A 77 -0.18 -18.96 1.48
N ARG A 78 0.10 -17.81 0.87
CA ARG A 78 0.46 -17.72 -0.55
C ARG A 78 1.75 -18.50 -0.77
N MET A 79 2.67 -18.45 0.20
N MET A 79 2.67 -18.44 0.21
CA MET A 79 3.97 -19.11 0.10
CA MET A 79 3.98 -19.08 0.20
C MET A 79 3.89 -20.59 0.50
C MET A 79 3.86 -20.61 0.41
N GLY A 80 2.69 -21.11 0.85
CA GLY A 80 2.50 -22.50 1.24
C GLY A 80 3.16 -22.82 2.56
N TRP A 81 3.28 -21.80 3.42
CA TRP A 81 3.80 -21.97 4.74
C TRP A 81 2.67 -22.01 5.76
N SER A 82 2.88 -22.80 6.81
CA SER A 82 1.94 -22.73 7.93
C SER A 82 2.29 -21.53 8.80
N GLY A 83 1.25 -21.09 9.50
CA GLY A 83 1.39 -20.07 10.52
C GLY A 83 1.53 -18.68 9.93
N GLU A 84 2.24 -17.83 10.69
CA GLU A 84 2.32 -16.41 10.31
C GLU A 84 3.62 -15.82 10.85
N PRO A 85 4.01 -14.62 10.37
CA PRO A 85 5.27 -14.03 10.80
C PRO A 85 5.21 -13.72 12.31
N THR A 86 6.39 -13.76 12.93
CA THR A 86 6.51 -13.32 14.29
C THR A 86 6.64 -11.79 14.35
N THR A 87 6.42 -11.27 15.56
CA THR A 87 6.70 -9.85 15.81
C THR A 87 8.16 -9.50 15.46
N SER A 88 9.12 -10.33 15.89
CA SER A 88 10.56 -10.12 15.62
C SER A 88 10.84 -10.07 14.13
N GLU A 89 10.24 -11.01 13.39
CA GLU A 89 10.42 -11.04 11.94
C GLU A 89 9.92 -9.74 11.34
N LEU A 90 8.75 -9.25 11.80
CA LEU A 90 8.17 -8.05 11.22
C LEU A 90 8.93 -6.78 11.60
N LYS A 91 9.70 -6.84 12.70
CA LYS A 91 10.62 -5.75 13.02
C LYS A 91 11.92 -5.78 12.21
N ASN A 92 12.20 -6.90 11.51
CA ASN A 92 13.38 -6.96 10.70
C ASN A 92 13.11 -6.24 9.41
N PRO A 93 13.86 -5.18 9.01
CA PRO A 93 13.57 -4.45 7.80
C PRO A 93 13.43 -5.34 6.55
N GLU A 94 14.38 -6.23 6.35
CA GLU A 94 14.38 -7.04 5.13
C GLU A 94 13.11 -7.91 5.03
N ARG A 95 12.80 -8.60 6.13
CA ARG A 95 11.63 -9.50 6.13
C ARG A 95 10.34 -8.67 5.99
N ASN A 96 10.32 -7.53 6.67
CA ASN A 96 9.10 -6.69 6.64
C ASN A 96 8.84 -6.20 5.24
N ILE A 97 9.86 -5.70 4.56
CA ILE A 97 9.68 -5.17 3.23
C ILE A 97 9.35 -6.33 2.25
N SER A 98 9.99 -7.48 2.48
N SER A 98 9.95 -7.51 2.44
CA SER A 98 9.69 -8.62 1.65
CA SER A 98 9.61 -8.63 1.54
C SER A 98 8.19 -8.97 1.74
C SER A 98 8.14 -9.03 1.72
N MET A 99 7.66 -9.03 2.97
CA MET A 99 6.29 -9.44 3.17
CA MET A 99 6.28 -9.41 3.26
C MET A 99 5.31 -8.36 2.70
N GLY A 100 5.68 -7.07 2.84
CA GLY A 100 4.86 -6.02 2.34
C GLY A 100 4.73 -6.02 0.82
N ALA A 101 5.88 -6.23 0.15
CA ALA A 101 5.92 -6.38 -1.29
C ALA A 101 5.07 -7.61 -1.71
N ALA A 102 5.24 -8.75 -1.01
CA ALA A 102 4.39 -9.93 -1.27
C ALA A 102 2.90 -9.58 -1.16
N TYR A 103 2.50 -8.82 -0.10
CA TYR A 103 1.11 -8.50 0.13
C TYR A 103 0.57 -7.57 -0.98
N LEU A 104 1.39 -6.59 -1.38
CA LEU A 104 1.03 -5.76 -2.49
C LEU A 104 0.83 -6.59 -3.75
N ASN A 105 1.69 -7.59 -3.95
CA ASN A 105 1.53 -8.42 -5.11
C ASN A 105 0.24 -9.25 -5.03
N ILE A 106 -0.12 -9.74 -3.84
CA ILE A 106 -1.33 -10.48 -3.65
C ILE A 106 -2.53 -9.63 -4.01
N LEU A 107 -2.52 -8.35 -3.57
CA LEU A 107 -3.60 -7.45 -3.93
C LEU A 107 -3.69 -7.22 -5.44
N GLU A 108 -2.54 -6.95 -6.05
CA GLU A 108 -2.49 -6.60 -7.47
C GLU A 108 -2.97 -7.78 -8.33
N THR A 109 -2.54 -8.99 -7.97
CA THR A 109 -2.75 -10.16 -8.82
C THR A 109 -3.99 -10.96 -8.42
N GLY A 110 -4.64 -10.55 -7.31
CA GLY A 110 -5.81 -11.18 -6.75
C GLY A 110 -7.06 -10.34 -6.97
N PRO A 111 -7.54 -9.61 -5.94
CA PRO A 111 -8.79 -8.89 -6.07
C PRO A 111 -8.74 -7.79 -7.15
N LEU A 112 -7.53 -7.22 -7.38
CA LEU A 112 -7.40 -6.10 -8.29
C LEU A 112 -7.00 -6.54 -9.72
N ALA A 113 -6.90 -7.85 -9.94
CA ALA A 113 -6.47 -8.36 -11.26
C ALA A 113 -7.42 -7.81 -12.35
N GLY A 114 -6.85 -7.36 -13.46
CA GLY A 114 -7.63 -6.91 -14.58
C GLY A 114 -7.75 -5.40 -14.72
N ILE A 115 -7.26 -4.64 -13.73
CA ILE A 115 -7.17 -3.20 -13.89
C ILE A 115 -6.02 -2.92 -14.85
N GLU A 116 -6.35 -2.26 -15.95
CA GLU A 116 -5.48 -2.13 -17.16
CA GLU A 116 -5.37 -2.25 -17.06
C GLU A 116 -4.45 -1.02 -16.94
N ASP A 117 -4.94 0.12 -16.47
CA ASP A 117 -4.14 1.35 -16.39
C ASP A 117 -3.26 1.26 -15.15
N PRO A 118 -1.92 1.24 -15.30
CA PRO A 118 -1.03 1.06 -14.17
C PRO A 118 -1.19 2.18 -13.12
N LYS A 119 -1.57 3.38 -13.54
CA LYS A 119 -1.72 4.47 -12.56
C LYS A 119 -3.00 4.26 -11.72
N VAL A 120 -4.10 3.91 -12.37
CA VAL A 120 -5.32 3.55 -11.64
C VAL A 120 -5.04 2.35 -10.75
N LEU A 121 -4.31 1.33 -11.21
CA LEU A 121 -3.96 0.21 -10.38
C LEU A 121 -3.17 0.73 -9.16
N GLN A 122 -2.21 1.63 -9.37
CA GLN A 122 -1.47 2.14 -8.22
C GLN A 122 -2.39 2.77 -7.15
N TYR A 123 -3.32 3.64 -7.59
CA TYR A 123 -4.25 4.21 -6.66
C TYR A 123 -5.11 3.12 -6.00
N ALA A 124 -5.62 2.17 -6.78
CA ALA A 124 -6.46 1.11 -6.23
C ALA A 124 -5.64 0.31 -5.21
N LEU A 125 -4.36 0.08 -5.45
CA LEU A 125 -3.50 -0.65 -4.53
C LEU A 125 -3.41 0.04 -3.17
N VAL A 126 -3.13 1.36 -3.14
CA VAL A 126 -2.94 2.03 -1.83
C VAL A 126 -4.30 2.13 -1.15
N VAL A 127 -5.41 2.31 -1.89
CA VAL A 127 -6.71 2.35 -1.23
C VAL A 127 -7.01 0.99 -0.60
N SER A 128 -6.65 -0.07 -1.30
CA SER A 128 -6.85 -1.48 -0.85
C SER A 128 -5.92 -1.80 0.31
N TYR A 129 -4.68 -1.31 0.29
CA TYR A 129 -3.76 -1.53 1.38
C TYR A 129 -4.35 -0.86 2.63
N ALA A 130 -4.90 0.33 2.47
CA ALA A 130 -5.46 1.15 3.56
C ALA A 130 -6.68 0.44 4.20
N ASN A 131 -7.70 0.12 3.39
CA ASN A 131 -8.98 -0.28 3.97
C ASN A 131 -9.56 -1.56 3.33
N GLY A 132 -8.80 -2.29 2.52
CA GLY A 132 -9.23 -3.54 1.94
C GLY A 132 -9.75 -3.36 0.54
N ALA A 133 -9.54 -4.37 -0.31
CA ALA A 133 -10.02 -4.26 -1.65
C ALA A 133 -11.54 -4.32 -1.69
N GLY A 134 -12.15 -5.05 -0.73
CA GLY A 134 -13.59 -5.19 -0.78
C GLY A 134 -14.35 -3.88 -0.69
N ALA A 135 -14.00 -3.02 0.28
CA ALA A 135 -14.70 -1.74 0.43
C ALA A 135 -14.58 -0.91 -0.85
N LEU A 136 -13.39 -0.99 -1.50
CA LEU A 136 -13.20 -0.24 -2.73
C LEU A 136 -14.12 -0.81 -3.83
N LEU A 137 -14.01 -2.13 -4.04
CA LEU A 137 -14.78 -2.74 -5.14
C LEU A 137 -16.27 -2.53 -4.95
N ARG A 138 -16.75 -2.59 -3.72
CA ARG A 138 -18.17 -2.45 -3.50
C ARG A 138 -18.68 -1.01 -3.70
N THR A 139 -17.81 -0.01 -3.90
CA THR A 139 -18.27 1.31 -4.29
C THR A 139 -18.65 1.33 -5.77
N PHE A 140 -18.28 0.29 -6.50
CA PHE A 140 -18.58 0.10 -7.93
C PHE A 140 -19.69 -0.94 -8.11
N SER A 141 -19.52 -2.15 -7.55
CA SER A 141 -20.49 -3.20 -7.77
C SER A 141 -20.30 -4.28 -6.71
N SER A 142 -21.39 -5.02 -6.45
CA SER A 142 -21.29 -6.21 -5.63
C SER A 142 -20.62 -7.34 -6.39
N ASP A 143 -20.55 -7.26 -7.73
CA ASP A 143 -19.90 -8.27 -8.54
C ASP A 143 -18.46 -7.83 -8.90
N ARG A 144 -17.46 -8.66 -8.60
CA ARG A 144 -16.02 -8.34 -8.74
C ARG A 144 -15.73 -7.93 -10.19
N LYS A 145 -16.12 -8.78 -11.15
CA LYS A 145 -15.80 -8.54 -12.55
C LYS A 145 -16.44 -7.23 -13.05
N LYS A 146 -17.66 -6.90 -12.65
CA LYS A 146 -18.31 -5.71 -13.03
C LYS A 146 -17.63 -4.49 -12.38
N ALA A 147 -17.20 -4.65 -11.13
CA ALA A 147 -16.47 -3.56 -10.46
C ALA A 147 -15.17 -3.26 -11.27
N ILE A 148 -14.40 -4.28 -11.62
CA ILE A 148 -13.14 -4.11 -12.36
C ILE A 148 -13.44 -3.47 -13.70
N SER A 149 -14.54 -3.88 -14.32
CA SER A 149 -14.97 -3.25 -15.58
C SER A 149 -15.22 -1.76 -15.41
N LYS A 150 -15.95 -1.36 -14.36
CA LYS A 150 -16.27 0.05 -14.07
C LYS A 150 -14.99 0.87 -13.74
N ILE A 151 -14.05 0.25 -13.01
CA ILE A 151 -12.77 0.87 -12.70
C ILE A 151 -12.02 1.16 -14.00
N ASN A 152 -12.11 0.21 -14.95
CA ASN A 152 -11.36 0.29 -16.19
C ASN A 152 -11.91 1.37 -17.12
N ASP A 153 -13.05 1.95 -16.82
CA ASP A 153 -13.64 3.04 -17.55
C ASP A 153 -13.12 4.41 -17.11
N LEU A 154 -12.36 4.45 -15.99
CA LEU A 154 -11.92 5.72 -15.43
C LEU A 154 -10.42 5.92 -15.69
N ASP A 155 -9.99 7.17 -15.71
CA ASP A 155 -8.58 7.44 -15.58
C ASP A 155 -8.26 7.71 -14.10
N ALA A 156 -6.98 7.97 -13.83
CA ALA A 156 -6.51 8.04 -12.41
C ALA A 156 -7.20 9.19 -11.69
N ASP A 157 -7.41 10.33 -12.35
CA ASP A 157 -8.05 11.47 -11.72
C ASP A 157 -9.53 11.20 -11.38
N GLU A 158 -10.25 10.58 -12.33
CA GLU A 158 -11.62 10.22 -12.13
C GLU A 158 -11.77 9.15 -11.04
N PHE A 159 -10.78 8.27 -10.95
CA PHE A 159 -10.73 7.22 -9.90
C PHE A 159 -10.64 7.88 -8.53
N LEU A 160 -9.74 8.87 -8.39
CA LEU A 160 -9.59 9.59 -7.11
C LEU A 160 -10.90 10.29 -6.79
N GLU A 161 -11.53 10.95 -7.77
CA GLU A 161 -12.71 11.68 -7.53
C GLU A 161 -13.86 10.75 -7.04
N HIS A 162 -13.93 9.57 -7.65
CA HIS A 162 -14.88 8.55 -7.26
C HIS A 162 -14.67 8.11 -5.81
N VAL A 163 -13.40 7.82 -5.49
CA VAL A 163 -13.09 7.39 -4.14
C VAL A 163 -13.40 8.50 -3.14
N ALA A 164 -13.08 9.75 -3.50
CA ALA A 164 -13.35 10.89 -2.59
C ALA A 164 -14.87 11.11 -2.35
N ARG A 165 -15.69 10.84 -3.37
CA ARG A 165 -17.13 11.02 -3.26
C ARG A 165 -17.84 9.81 -2.66
N ASN A 166 -17.30 8.59 -2.80
CA ASN A 166 -18.11 7.38 -2.59
C ASN A 166 -17.51 6.39 -1.58
N HIS A 167 -16.20 6.44 -1.29
CA HIS A 167 -15.60 5.47 -0.40
C HIS A 167 -15.99 5.83 1.01
N PRO A 168 -16.42 4.87 1.84
CA PRO A 168 -16.79 5.20 3.20
C PRO A 168 -15.67 5.62 4.12
N ALA A 169 -14.43 5.21 3.80
CA ALA A 169 -13.29 5.45 4.67
C ALA A 169 -12.70 6.81 4.31
N PRO A 170 -12.58 7.77 5.25
CA PRO A 170 -11.87 9.01 4.94
C PRO A 170 -10.40 8.78 4.60
N GLN A 171 -9.84 7.70 5.08
CA GLN A 171 -8.43 7.39 4.84
C GLN A 171 -8.18 7.04 3.37
N ALA A 172 -9.19 6.60 2.63
CA ALA A 172 -8.95 6.09 1.30
C ALA A 172 -8.48 7.17 0.34
N PRO A 173 -9.22 8.26 0.11
CA PRO A 173 -8.72 9.30 -0.80
C PRO A 173 -7.47 9.97 -0.21
N ARG A 174 -7.38 10.02 1.12
CA ARG A 174 -6.24 10.64 1.78
C ARG A 174 -4.98 9.87 1.41
N TYR A 175 -5.06 8.53 1.29
CA TYR A 175 -3.89 7.69 0.97
C TYR A 175 -3.41 8.04 -0.45
N ILE A 176 -4.34 8.26 -1.38
CA ILE A 176 -3.94 8.63 -2.74
C ILE A 176 -3.23 9.99 -2.67
N TYR A 177 -3.80 10.96 -1.95
CA TYR A 177 -3.15 12.27 -1.78
C TYR A 177 -1.73 12.14 -1.21
N LYS A 178 -1.56 11.35 -0.16
CA LYS A 178 -0.27 11.14 0.46
C LYS A 178 0.69 10.40 -0.46
N LEU A 179 0.19 9.44 -1.22
CA LEU A 179 1.05 8.75 -2.16
C LEU A 179 1.67 9.78 -3.14
N GLU A 180 0.85 10.69 -3.65
CA GLU A 180 1.38 11.62 -4.63
C GLU A 180 2.33 12.60 -3.94
N GLN A 181 2.05 13.02 -2.70
CA GLN A 181 3.00 13.83 -1.97
C GLN A 181 4.34 13.09 -1.87
N ALA A 182 4.32 11.77 -1.59
CA ALA A 182 5.51 10.99 -1.42
C ALA A 182 6.25 10.83 -2.74
N LEU A 183 5.51 10.51 -3.82
CA LEU A 183 6.19 10.34 -5.11
C LEU A 183 6.85 11.64 -5.50
N ASP A 184 6.20 12.77 -5.27
CA ASP A 184 6.80 14.08 -5.62
C ASP A 184 8.08 14.26 -4.82
N ALA A 185 8.04 14.00 -3.51
CA ALA A 185 9.21 14.21 -2.63
C ALA A 185 10.38 13.30 -3.05
N MET A 186 10.08 12.12 -3.61
N MET A 186 10.10 12.10 -3.57
CA MET A 186 11.09 11.14 -4.02
CA MET A 186 11.16 11.16 -3.99
C MET A 186 11.83 11.61 -5.29
C MET A 186 11.92 11.77 -5.17
N LEU A 187 11.25 12.59 -5.99
CA LEU A 187 11.97 13.19 -7.16
C LEU A 187 13.21 13.98 -6.72
N GLU A 188 13.26 14.51 -5.50
CA GLU A 188 14.43 15.25 -5.04
C GLU A 188 15.63 14.28 -4.95
N HIS A 189 15.40 12.97 -4.84
CA HIS A 189 16.43 12.01 -4.52
C HIS A 189 17.00 11.31 -5.77
N HIS A 190 16.53 11.71 -6.96
CA HIS A 190 17.06 11.15 -8.22
C HIS A 190 17.68 12.31 -9.01
N HIS A 191 18.99 12.23 -9.28
CA HIS A 191 19.65 13.20 -10.13
C HIS A 191 19.98 12.52 -11.47
C TRS B . -1.75 -3.26 6.32
C1 TRS B . -2.13 -3.78 4.95
C2 TRS B . -2.11 -4.13 7.49
C3 TRS B . -2.40 -1.97 6.52
N TRS B . -0.28 -3.15 6.31
O1 TRS B . -3.55 -3.82 4.84
O2 TRS B . -1.35 -5.32 7.40
O3 TRS B . -1.58 -0.89 6.17
#